data_5KWS
#
_entry.id   5KWS
#
_cell.length_a   94.236
_cell.length_b   56.753
_cell.length_c   69.129
_cell.angle_alpha   90.00
_cell.angle_beta   90.00
_cell.angle_gamma   90.00
#
_symmetry.space_group_name_H-M   'P 21 21 2'
#
loop_
_entity.id
_entity.type
_entity.pdbx_description
1 polymer 'Galactose-binding protein'
2 non-polymer beta-D-glucopyranose
3 non-polymer 'CALCIUM ION'
4 non-polymer GLYCEROL
5 non-polymer 'ACETIC ACID'
6 non-polymer 1,2-ETHANEDIOL
7 non-polymer 'SODIUM ION'
8 water water
#
_entity_poly.entity_id   1
_entity_poly.type   'polypeptide(L)'
_entity_poly.pdbx_seq_one_letter_code
;SNAAQAETRIGVTIYKYDDNFMSVVRKAIEKDAKASPEITLLMNDSQNDQSKQNDQIDVLLAKGVKALAINLVDPAAAPV
VIDKARSNDIPIVFYNKEPSRKALDSYDKAYYVGTDSKESGVIQGELIAKHWQANPEWDLNKDGKIQFVLLKGEPGHPDA
EARTTYVIKTLNEKGLPTQQLQLDTAMWDTAQAKDKMDAWLSGPNANKIEVVIANNDAMAMGAVEALKAHNKTSVPVFGV
DALPEALALVKSGQMAGTVLNDANNQAKATFDLAKNLAAGKPAAEGTTWKIENKIVRIPYVGVDKDNLAEFTK
;
_entity_poly.pdbx_strand_id   A
#
loop_
_chem_comp.id
_chem_comp.type
_chem_comp.name
_chem_comp.formula
ACY non-polymer 'ACETIC ACID' 'C2 H4 O2'
BGC D-saccharide, beta linking beta-D-glucopyranose 'C6 H12 O6'
CA non-polymer 'CALCIUM ION' 'Ca 2'
EDO non-polymer 1,2-ETHANEDIOL 'C2 H6 O2'
GOL non-polymer GLYCEROL 'C3 H8 O3'
NA non-polymer 'SODIUM ION' 'Na 1'
#
# COMPACT_ATOMS: atom_id res chain seq x y z
N ALA A 6 1.48 15.65 -31.78
CA ALA A 6 2.10 16.30 -30.62
C ALA A 6 2.08 15.37 -29.41
N GLU A 7 3.05 15.52 -28.52
CA GLU A 7 3.16 14.56 -27.43
C GLU A 7 4.04 15.07 -26.29
N THR A 8 3.63 14.71 -25.08
CA THR A 8 4.46 14.86 -23.89
C THR A 8 4.65 13.47 -23.30
N ARG A 9 5.91 13.05 -23.16
N ARG A 9 5.91 13.06 -23.14
CA ARG A 9 6.22 11.75 -22.61
CA ARG A 9 6.22 11.72 -22.64
C ARG A 9 6.34 11.83 -21.09
C ARG A 9 6.41 11.76 -21.11
N ILE A 10 5.72 10.88 -20.40
CA ILE A 10 5.86 10.74 -18.95
C ILE A 10 6.33 9.33 -18.65
N GLY A 11 7.43 9.20 -17.93
CA GLY A 11 7.95 7.90 -17.55
C GLY A 11 7.38 7.47 -16.21
N VAL A 12 6.97 6.21 -16.14
CA VAL A 12 6.33 5.68 -14.94
C VAL A 12 7.00 4.36 -14.58
N THR A 13 7.27 4.18 -13.28
CA THR A 13 7.67 2.88 -12.78
C THR A 13 6.66 2.37 -11.76
N ILE A 14 6.42 1.07 -11.79
CA ILE A 14 5.72 0.31 -10.75
C ILE A 14 6.80 -0.58 -10.14
N TYR A 15 6.87 -0.63 -8.80
CA TYR A 15 8.01 -1.33 -8.18
C TYR A 15 8.04 -2.80 -8.56
N LYS A 16 6.87 -3.44 -8.66
CA LYS A 16 6.73 -4.80 -9.20
C LYS A 16 5.30 -4.97 -9.69
N TYR A 17 5.14 -5.37 -10.95
CA TYR A 17 3.79 -5.55 -11.49
C TYR A 17 3.04 -6.66 -10.76
N ASP A 18 3.73 -7.61 -10.14
N ASP A 18 3.73 -7.60 -10.14
CA ASP A 18 3.03 -8.70 -9.46
CA ASP A 18 3.07 -8.71 -9.46
C ASP A 18 2.55 -8.33 -8.07
C ASP A 18 2.54 -8.33 -8.08
N ASP A 19 2.76 -7.10 -7.62
CA ASP A 19 2.12 -6.64 -6.39
C ASP A 19 0.63 -6.45 -6.65
N ASN A 20 -0.24 -7.11 -5.86
CA ASN A 20 -1.66 -7.06 -6.17
C ASN A 20 -2.17 -5.62 -6.18
N PHE A 21 -1.81 -4.84 -5.16
CA PHE A 21 -2.34 -3.48 -5.07
C PHE A 21 -1.78 -2.60 -6.18
N MET A 22 -0.47 -2.70 -6.44
CA MET A 22 0.10 -1.82 -7.47
C MET A 22 -0.35 -2.21 -8.87
N SER A 23 -0.82 -3.45 -9.06
CA SER A 23 -1.43 -3.80 -10.32
C SER A 23 -2.72 -3.03 -10.53
N VAL A 24 -3.50 -2.82 -9.46
CA VAL A 24 -4.70 -1.99 -9.54
C VAL A 24 -4.31 -0.55 -9.86
N VAL A 25 -3.29 -0.03 -9.18
CA VAL A 25 -2.86 1.34 -9.44
C VAL A 25 -2.35 1.50 -10.87
N ARG A 26 -1.54 0.55 -11.33
CA ARG A 26 -1.05 0.59 -12.71
C ARG A 26 -2.19 0.73 -13.70
N LYS A 27 -3.19 -0.14 -13.60
CA LYS A 27 -4.30 -0.07 -14.55
C LYS A 27 -5.04 1.25 -14.46
N ALA A 28 -5.17 1.79 -13.24
CA ALA A 28 -5.88 3.06 -13.10
C ALA A 28 -5.11 4.22 -13.72
N ILE A 29 -3.77 4.22 -13.57
CA ILE A 29 -2.96 5.25 -14.21
C ILE A 29 -3.12 5.18 -15.71
N GLU A 30 -3.03 3.97 -16.28
CA GLU A 30 -3.14 3.84 -17.72
C GLU A 30 -4.53 4.25 -18.21
N LYS A 31 -5.57 3.95 -17.43
CA LYS A 31 -6.91 4.37 -17.81
C LYS A 31 -7.04 5.89 -17.79
N ASP A 32 -6.51 6.54 -16.77
N ASP A 32 -6.52 6.54 -16.77
CA ASP A 32 -6.61 7.99 -16.69
CA ASP A 32 -6.61 8.00 -16.69
C ASP A 32 -5.83 8.66 -17.80
C ASP A 32 -5.84 8.66 -17.83
N ALA A 33 -4.69 8.10 -18.19
CA ALA A 33 -3.90 8.67 -19.27
C ALA A 33 -4.66 8.65 -20.60
N LYS A 34 -5.58 7.71 -20.78
CA LYS A 34 -6.34 7.64 -22.04
C LYS A 34 -7.10 8.92 -22.33
N ALA A 35 -7.57 9.61 -21.28
CA ALA A 35 -8.33 10.84 -21.43
C ALA A 35 -7.47 12.05 -21.77
N SER A 36 -6.14 11.89 -21.79
CA SER A 36 -5.20 12.93 -22.20
C SER A 36 -4.38 12.36 -23.35
N PRO A 37 -4.95 12.32 -24.56
CA PRO A 37 -4.30 11.58 -25.66
C PRO A 37 -2.95 12.15 -26.06
N GLU A 38 -2.65 13.40 -25.70
CA GLU A 38 -1.34 13.98 -25.99
C GLU A 38 -0.24 13.41 -25.11
N ILE A 39 -0.57 12.72 -24.04
CA ILE A 39 0.43 12.11 -23.18
C ILE A 39 0.79 10.74 -23.74
N THR A 40 2.08 10.44 -23.76
CA THR A 40 2.58 9.10 -24.02
C THR A 40 3.21 8.60 -22.72
N LEU A 41 2.61 7.59 -22.11
CA LEU A 41 3.21 6.99 -20.93
C LEU A 41 4.24 5.95 -21.34
N LEU A 42 5.39 5.98 -20.69
CA LEU A 42 6.40 4.92 -20.81
C LEU A 42 6.39 4.16 -19.47
N MET A 43 5.64 3.06 -19.42
N MET A 43 5.60 3.09 -19.45
CA MET A 43 5.34 2.35 -18.18
CA MET A 43 5.40 2.29 -18.25
C MET A 43 6.24 1.13 -17.98
C MET A 43 6.53 1.29 -18.07
N ASN A 44 6.91 1.06 -16.82
CA ASN A 44 7.97 0.11 -16.53
C ASN A 44 7.66 -0.72 -15.28
N ASP A 45 7.97 -2.03 -15.37
CA ASP A 45 7.93 -2.97 -14.26
C ASP A 45 9.36 -3.08 -13.73
N SER A 46 9.59 -2.59 -12.52
CA SER A 46 10.93 -2.67 -11.94
C SER A 46 11.24 -4.04 -11.37
N GLN A 47 10.28 -4.97 -11.36
CA GLN A 47 10.52 -6.36 -11.01
C GLN A 47 11.15 -6.50 -9.62
N ASN A 48 10.76 -5.61 -8.71
CA ASN A 48 11.23 -5.70 -7.32
C ASN A 48 12.74 -5.55 -7.19
N ASP A 49 13.35 -4.76 -8.06
CA ASP A 49 14.81 -4.63 -8.10
C ASP A 49 15.15 -3.16 -8.30
N GLN A 50 15.68 -2.51 -7.26
CA GLN A 50 15.97 -1.08 -7.38
C GLN A 50 17.05 -0.80 -8.42
N SER A 51 18.02 -1.70 -8.60
CA SER A 51 19.03 -1.48 -9.63
C SER A 51 18.39 -1.51 -11.01
N LYS A 52 17.43 -2.41 -11.24
N LYS A 52 17.44 -2.42 -11.24
CA LYS A 52 16.70 -2.41 -12.49
CA LYS A 52 16.70 -2.41 -12.50
C LYS A 52 15.92 -1.12 -12.66
C LYS A 52 15.93 -1.10 -12.66
N GLN A 53 15.29 -0.64 -11.59
CA GLN A 53 14.56 0.63 -11.65
C GLN A 53 15.50 1.78 -12.00
N ASN A 54 16.68 1.82 -11.39
CA ASN A 54 17.64 2.88 -11.68
C ASN A 54 18.01 2.88 -13.16
N ASP A 55 18.23 1.70 -13.74
CA ASP A 55 18.52 1.62 -15.17
C ASP A 55 17.34 2.09 -15.98
N GLN A 56 16.12 1.73 -15.57
CA GLN A 56 14.92 2.16 -16.28
C GLN A 56 14.80 3.67 -16.28
N ILE A 57 15.13 4.30 -15.15
CA ILE A 57 15.07 5.75 -15.07
C ILE A 57 16.09 6.40 -16.00
N ASP A 58 17.30 5.84 -16.07
CA ASP A 58 18.28 6.35 -17.03
C ASP A 58 17.72 6.31 -18.44
N VAL A 59 17.09 5.20 -18.83
CA VAL A 59 16.52 5.09 -20.16
C VAL A 59 15.41 6.12 -20.36
N LEU A 60 14.51 6.25 -19.38
CA LEU A 60 13.40 7.19 -19.52
C LEU A 60 13.91 8.61 -19.72
N LEU A 61 14.93 8.99 -18.95
CA LEU A 61 15.48 10.34 -19.11
C LEU A 61 16.11 10.52 -20.48
N ALA A 62 16.84 9.50 -20.95
CA ALA A 62 17.46 9.55 -22.27
C ALA A 62 16.41 9.62 -23.37
N LYS A 63 15.23 9.05 -23.14
CA LYS A 63 14.14 9.08 -24.10
C LYS A 63 13.29 10.35 -24.00
N GLY A 64 13.76 11.33 -23.23
CA GLY A 64 13.15 12.65 -23.26
C GLY A 64 11.85 12.81 -22.50
N VAL A 65 11.59 11.97 -21.48
CA VAL A 65 10.41 12.21 -20.67
C VAL A 65 10.47 13.59 -20.03
N LYS A 66 9.32 14.21 -19.87
CA LYS A 66 9.24 15.53 -19.24
C LYS A 66 8.83 15.46 -17.79
N ALA A 67 8.45 14.29 -17.30
CA ALA A 67 8.19 14.06 -15.88
C ALA A 67 8.35 12.57 -15.62
N LEU A 68 8.60 12.24 -14.36
CA LEU A 68 8.66 10.88 -13.89
C LEU A 68 7.65 10.69 -12.78
N ALA A 69 6.94 9.56 -12.82
CA ALA A 69 6.13 9.09 -11.69
C ALA A 69 6.77 7.78 -11.22
N ILE A 70 7.35 7.80 -10.02
CA ILE A 70 8.22 6.73 -9.55
C ILE A 70 7.60 6.05 -8.34
N ASN A 71 7.39 4.73 -8.44
CA ASN A 71 7.00 3.88 -7.31
C ASN A 71 8.28 3.13 -6.95
N LEU A 72 9.01 3.65 -5.95
CA LEU A 72 10.32 3.12 -5.58
C LEU A 72 10.24 1.65 -5.21
N VAL A 73 11.29 0.90 -5.54
CA VAL A 73 11.46 -0.40 -4.91
C VAL A 73 11.92 -0.21 -3.48
N ASP A 74 12.99 0.54 -3.28
N ASP A 74 12.98 0.56 -3.28
CA ASP A 74 13.51 0.83 -1.95
CA ASP A 74 13.54 0.83 -1.96
C ASP A 74 13.25 2.30 -1.64
C ASP A 74 13.30 2.29 -1.62
N PRO A 75 12.47 2.61 -0.61
CA PRO A 75 12.31 4.03 -0.22
C PRO A 75 13.61 4.79 0.00
N ALA A 76 14.66 4.11 0.48
CA ALA A 76 15.94 4.76 0.74
C ALA A 76 16.66 5.17 -0.54
N ALA A 77 16.19 4.73 -1.70
CA ALA A 77 16.82 5.08 -2.97
C ALA A 77 16.31 6.39 -3.54
N ALA A 78 15.37 7.07 -2.87
CA ALA A 78 14.89 8.35 -3.39
C ALA A 78 16.02 9.33 -3.74
N PRO A 79 17.08 9.49 -2.94
CA PRO A 79 18.15 10.42 -3.35
C PRO A 79 18.78 10.06 -4.67
N VAL A 80 18.98 8.76 -4.95
CA VAL A 80 19.58 8.36 -6.22
C VAL A 80 18.70 8.79 -7.38
N VAL A 81 17.40 8.54 -7.26
CA VAL A 81 16.45 8.91 -8.31
C VAL A 81 16.41 10.42 -8.49
N ILE A 82 16.38 11.17 -7.37
CA ILE A 82 16.39 12.62 -7.43
C ILE A 82 17.64 13.12 -8.16
N ASP A 83 18.81 12.57 -7.83
CA ASP A 83 20.02 13.01 -8.50
C ASP A 83 19.96 12.75 -10.00
N LYS A 84 19.40 11.62 -10.43
CA LYS A 84 19.28 11.36 -11.86
C LYS A 84 18.33 12.35 -12.52
N ALA A 85 17.15 12.55 -11.94
CA ALA A 85 16.15 13.38 -12.58
C ALA A 85 16.56 14.84 -12.63
N ARG A 86 17.23 15.33 -11.60
CA ARG A 86 17.46 16.76 -11.53
C ARG A 86 18.55 17.23 -12.48
N SER A 87 19.33 16.30 -13.06
N SER A 87 19.32 16.30 -13.06
CA SER A 87 20.36 16.69 -14.02
CA SER A 87 20.37 16.67 -14.02
C SER A 87 19.80 17.59 -15.11
C SER A 87 19.82 17.55 -15.14
N ASN A 88 18.62 17.27 -15.63
N ASN A 88 18.64 17.23 -15.65
CA ASN A 88 17.95 18.11 -16.63
CA ASN A 88 17.96 18.04 -16.65
C ASN A 88 16.64 18.67 -16.09
C ASN A 88 16.66 18.64 -16.13
N ASP A 89 16.55 18.83 -14.77
N ASP A 89 16.58 18.85 -14.82
CA ASP A 89 15.44 19.53 -14.14
CA ASP A 89 15.44 19.53 -14.19
C ASP A 89 14.10 18.83 -14.37
C ASP A 89 14.11 18.82 -14.44
N ILE A 90 14.13 17.49 -14.40
CA ILE A 90 12.90 16.71 -14.63
C ILE A 90 12.17 16.50 -13.31
N PRO A 91 10.88 16.85 -13.23
CA PRO A 91 10.14 16.65 -11.96
C PRO A 91 9.86 15.18 -11.70
N ILE A 92 9.68 14.85 -10.41
CA ILE A 92 9.35 13.49 -9.99
C ILE A 92 8.12 13.54 -9.10
N VAL A 93 7.11 12.76 -9.43
CA VAL A 93 6.04 12.45 -8.48
C VAL A 93 6.32 11.05 -7.94
N PHE A 94 6.88 10.98 -6.74
CA PHE A 94 6.99 9.68 -6.10
C PHE A 94 5.60 9.25 -5.64
N TYR A 95 5.32 7.96 -5.65
CA TYR A 95 4.00 7.53 -5.21
C TYR A 95 4.07 6.16 -4.54
N ASN A 96 3.19 5.98 -3.54
CA ASN A 96 2.91 4.74 -2.81
C ASN A 96 4.01 4.30 -1.82
N LYS A 97 5.31 4.41 -2.17
CA LYS A 97 6.40 4.20 -1.22
C LYS A 97 6.98 5.56 -0.88
N GLU A 98 6.73 6.03 0.33
CA GLU A 98 7.03 7.42 0.68
C GLU A 98 8.51 7.64 0.98
N PRO A 99 9.20 8.54 0.27
CA PRO A 99 10.57 8.92 0.67
C PRO A 99 10.56 9.69 1.99
N SER A 100 11.75 9.85 2.54
CA SER A 100 11.88 10.68 3.74
C SER A 100 11.53 12.13 3.43
N ARG A 101 11.14 12.85 4.49
CA ARG A 101 10.91 14.28 4.35
C ARG A 101 12.15 14.99 3.84
N LYS A 102 13.32 14.60 4.35
CA LYS A 102 14.56 15.22 3.88
C LYS A 102 14.78 14.99 2.39
N ALA A 103 14.52 13.77 1.91
CA ALA A 103 14.66 13.51 0.48
C ALA A 103 13.68 14.36 -0.33
N LEU A 104 12.42 14.42 0.09
CA LEU A 104 11.47 15.24 -0.66
C LEU A 104 11.90 16.70 -0.70
N ASP A 105 12.42 17.22 0.42
CA ASP A 105 12.80 18.62 0.51
C ASP A 105 14.10 18.92 -0.22
N SER A 106 14.83 17.89 -0.66
CA SER A 106 16.14 18.06 -1.27
C SER A 106 16.05 18.53 -2.71
N TYR A 107 14.85 18.54 -3.30
CA TYR A 107 14.67 18.90 -4.70
C TYR A 107 13.33 19.59 -4.84
N ASP A 108 13.33 20.81 -5.39
N ASP A 108 13.33 20.81 -5.38
CA ASP A 108 12.09 21.57 -5.50
CA ASP A 108 12.07 21.57 -5.46
C ASP A 108 11.04 20.88 -6.35
C ASP A 108 11.03 20.88 -6.34
N LYS A 109 11.44 20.00 -7.25
CA LYS A 109 10.51 19.35 -8.16
C LYS A 109 10.18 17.92 -7.77
N ALA A 110 10.45 17.53 -6.52
CA ALA A 110 10.01 16.24 -5.99
C ALA A 110 8.72 16.40 -5.20
N TYR A 111 7.75 15.53 -5.48
CA TYR A 111 6.45 15.50 -4.84
C TYR A 111 6.15 14.06 -4.44
N TYR A 112 5.10 13.88 -3.63
CA TYR A 112 4.69 12.54 -3.20
C TYR A 112 3.17 12.42 -3.19
N VAL A 113 2.66 11.34 -3.77
CA VAL A 113 1.23 10.99 -3.69
C VAL A 113 1.09 9.65 -2.99
N GLY A 114 0.31 9.62 -1.92
CA GLY A 114 0.10 8.37 -1.21
C GLY A 114 -1.02 8.49 -0.22
N THR A 115 -0.74 8.12 1.03
CA THR A 115 -1.75 8.00 2.06
C THR A 115 -1.14 8.42 3.39
N ASP A 116 -2.01 8.60 4.38
CA ASP A 116 -1.60 8.73 5.78
C ASP A 116 -1.46 7.32 6.33
N SER A 117 -0.23 6.79 6.36
CA SER A 117 -0.05 5.38 6.69
C SER A 117 -0.65 5.03 8.06
N LYS A 118 -0.40 5.90 9.05
CA LYS A 118 -0.94 5.70 10.39
C LYS A 118 -2.47 5.52 10.36
N GLU A 119 -3.16 6.33 9.56
CA GLU A 119 -4.61 6.22 9.48
C GLU A 119 -5.06 4.79 9.17
N SER A 120 -4.37 4.09 8.27
CA SER A 120 -4.80 2.73 7.97
C SER A 120 -4.63 1.79 9.17
N GLY A 121 -3.58 1.98 9.97
CA GLY A 121 -3.42 1.17 11.17
C GLY A 121 -4.50 1.48 12.21
N VAL A 122 -4.84 2.76 12.37
CA VAL A 122 -5.88 3.16 13.32
C VAL A 122 -7.22 2.59 12.89
N ILE A 123 -7.57 2.76 11.60
CA ILE A 123 -8.84 2.21 11.12
C ILE A 123 -8.88 0.69 11.30
N GLN A 124 -7.79 0.00 10.95
CA GLN A 124 -7.79 -1.44 11.14
C GLN A 124 -7.99 -1.80 12.61
N GLY A 125 -7.34 -1.08 13.53
CA GLY A 125 -7.53 -1.34 14.94
C GLY A 125 -8.95 -1.08 15.40
N GLU A 126 -9.57 -0.01 14.89
CA GLU A 126 -10.97 0.26 15.22
C GLU A 126 -11.87 -0.86 14.69
N LEU A 127 -11.58 -1.39 13.49
CA LEU A 127 -12.39 -2.49 12.98
C LEU A 127 -12.23 -3.74 13.82
N ILE A 128 -11.01 -4.05 14.23
CA ILE A 128 -10.80 -5.23 15.06
C ILE A 128 -11.54 -5.06 16.39
N ALA A 129 -11.43 -3.86 17.01
CA ALA A 129 -12.14 -3.59 18.26
C ALA A 129 -13.65 -3.78 18.08
N LYS A 130 -14.19 -3.22 17.01
CA LYS A 130 -15.62 -3.29 16.73
C LYS A 130 -16.11 -4.75 16.70
N HIS A 131 -15.38 -5.61 16.00
CA HIS A 131 -15.80 -7.00 15.84
C HIS A 131 -15.46 -7.85 17.07
N TRP A 132 -14.31 -7.59 17.69
CA TRP A 132 -13.97 -8.32 18.91
C TRP A 132 -15.04 -8.10 19.97
N GLN A 133 -15.45 -6.85 20.15
CA GLN A 133 -16.42 -6.54 21.20
C GLN A 133 -17.78 -7.16 20.89
N ALA A 134 -18.08 -7.40 19.62
CA ALA A 134 -19.36 -7.97 19.22
C ALA A 134 -19.34 -9.50 19.18
N ASN A 135 -18.18 -10.11 19.32
CA ASN A 135 -18.02 -11.56 19.19
C ASN A 135 -17.27 -12.12 20.39
N PRO A 136 -17.95 -12.27 21.53
CA PRO A 136 -17.26 -12.78 22.73
C PRO A 136 -16.63 -14.16 22.54
N GLU A 137 -17.15 -14.98 21.62
CA GLU A 137 -16.57 -16.30 21.39
C GLU A 137 -15.18 -16.23 20.77
N TRP A 138 -14.78 -15.09 20.24
CA TRP A 138 -13.45 -15.00 19.68
C TRP A 138 -12.35 -15.08 20.74
N ASP A 139 -12.68 -14.76 22.00
CA ASP A 139 -11.72 -14.85 23.10
C ASP A 139 -11.66 -16.31 23.54
N LEU A 140 -10.93 -17.11 22.75
CA LEU A 140 -10.94 -18.56 22.92
C LEU A 140 -10.52 -18.98 24.32
N ASN A 141 -9.50 -18.34 24.90
CA ASN A 141 -9.05 -18.70 26.24
C ASN A 141 -9.68 -17.86 27.34
N LYS A 142 -10.66 -17.00 27.00
CA LYS A 142 -11.46 -16.28 27.99
C LYS A 142 -10.60 -15.47 28.98
N ASP A 143 -9.50 -14.90 28.48
CA ASP A 143 -8.61 -14.13 29.33
C ASP A 143 -8.77 -12.62 29.17
N GLY A 144 -9.69 -12.16 28.34
CA GLY A 144 -9.89 -10.74 28.11
C GLY A 144 -8.83 -10.09 27.25
N LYS A 145 -7.89 -10.86 26.70
N LYS A 145 -7.89 -10.86 26.70
CA LYS A 145 -6.82 -10.37 25.85
CA LYS A 145 -6.84 -10.33 25.85
C LYS A 145 -6.99 -10.93 24.45
C LYS A 145 -6.94 -10.94 24.46
N ILE A 146 -6.52 -10.19 23.46
CA ILE A 146 -6.54 -10.65 22.07
C ILE A 146 -5.19 -11.32 21.79
N GLN A 147 -5.18 -12.66 21.70
CA GLN A 147 -4.00 -13.36 21.23
C GLN A 147 -3.98 -13.30 19.71
N PHE A 148 -2.95 -12.67 19.14
CA PHE A 148 -2.93 -12.46 17.70
C PHE A 148 -1.61 -12.87 17.08
N VAL A 149 -1.67 -13.07 15.77
CA VAL A 149 -0.48 -13.10 14.94
C VAL A 149 -0.59 -11.98 13.93
N LEU A 150 0.56 -11.45 13.52
CA LEU A 150 0.57 -10.34 12.57
C LEU A 150 1.52 -10.61 11.42
N LEU A 151 1.01 -10.46 10.19
CA LEU A 151 1.78 -10.60 8.96
C LEU A 151 2.17 -9.19 8.51
N LYS A 152 3.45 -8.88 8.58
CA LYS A 152 3.96 -7.55 8.31
C LYS A 152 4.34 -7.40 6.83
N GLY A 153 4.17 -6.20 6.30
CA GLY A 153 4.68 -5.90 4.97
C GLY A 153 6.19 -5.74 4.98
N GLU A 154 6.74 -5.12 3.94
CA GLU A 154 8.19 -4.99 3.83
C GLU A 154 8.75 -4.22 5.00
N PRO A 155 9.80 -4.72 5.65
CA PRO A 155 10.45 -3.94 6.71
C PRO A 155 10.84 -2.56 6.19
N GLY A 156 10.56 -1.54 7.00
CA GLY A 156 10.92 -0.18 6.64
C GLY A 156 9.95 0.52 5.72
N HIS A 157 9.03 -0.20 5.12
CA HIS A 157 8.05 0.47 4.26
C HIS A 157 7.10 1.27 5.16
N PRO A 158 6.88 2.55 4.89
CA PRO A 158 6.05 3.34 5.81
C PRO A 158 4.68 2.75 6.11
N ASP A 159 4.04 2.09 5.14
CA ASP A 159 2.73 1.49 5.42
C ASP A 159 2.88 0.28 6.33
N ALA A 160 3.91 -0.54 6.13
CA ALA A 160 4.12 -1.68 7.02
C ALA A 160 4.42 -1.24 8.44
N GLU A 161 5.30 -0.24 8.59
CA GLU A 161 5.68 0.19 9.92
C GLU A 161 4.49 0.80 10.65
N ALA A 162 3.74 1.66 9.98
CA ALA A 162 2.63 2.33 10.65
C ALA A 162 1.48 1.38 10.91
N ARG A 163 1.15 0.51 9.95
CA ARG A 163 0.03 -0.40 10.18
C ARG A 163 0.32 -1.35 11.33
N THR A 164 1.57 -1.77 11.46
CA THR A 164 1.95 -2.68 12.53
C THR A 164 1.94 -1.97 13.89
N THR A 165 2.53 -0.77 13.96
CA THR A 165 2.56 -0.04 15.22
C THR A 165 1.17 0.35 15.67
N TYR A 166 0.38 0.92 14.75
CA TYR A 166 -0.85 1.59 15.16
C TYR A 166 -2.04 0.65 15.30
N VAL A 167 -2.07 -0.50 14.62
CA VAL A 167 -3.18 -1.41 14.88
C VAL A 167 -3.19 -1.82 16.35
N ILE A 168 -2.01 -2.09 16.91
CA ILE A 168 -1.89 -2.54 18.29
C ILE A 168 -2.08 -1.38 19.27
N LYS A 169 -1.42 -0.24 19.02
CA LYS A 169 -1.64 0.92 19.88
C LYS A 169 -3.13 1.26 19.95
N THR A 170 -3.83 1.22 18.82
CA THR A 170 -5.25 1.57 18.79
C THR A 170 -6.06 0.59 19.64
N LEU A 171 -5.81 -0.71 19.47
CA LEU A 171 -6.53 -1.70 20.27
C LEU A 171 -6.28 -1.48 21.76
N ASN A 172 -5.00 -1.32 22.14
CA ASN A 172 -4.67 -1.16 23.55
C ASN A 172 -5.29 0.11 24.13
N GLU A 173 -5.28 1.21 23.35
CA GLU A 173 -5.83 2.47 23.84
C GLU A 173 -7.34 2.39 24.00
N LYS A 174 -8.01 1.53 23.23
CA LYS A 174 -9.44 1.28 23.41
C LYS A 174 -9.73 0.32 24.53
N GLY A 175 -8.73 -0.05 25.32
CA GLY A 175 -8.96 -0.91 26.47
C GLY A 175 -8.92 -2.38 26.16
N LEU A 176 -8.38 -2.79 25.01
CA LEU A 176 -8.27 -4.20 24.66
C LEU A 176 -6.80 -4.61 24.71
N PRO A 177 -6.37 -5.30 25.76
CA PRO A 177 -4.98 -5.79 25.81
C PRO A 177 -4.77 -6.86 24.76
N THR A 178 -3.52 -6.97 24.32
CA THR A 178 -3.17 -7.90 23.27
C THR A 178 -1.99 -8.75 23.70
N GLN A 179 -1.89 -9.94 23.11
CA GLN A 179 -0.70 -10.77 23.27
C GLN A 179 -0.23 -11.20 21.89
N GLN A 180 0.95 -10.72 21.52
CA GLN A 180 1.54 -10.98 20.20
C GLN A 180 2.18 -12.36 20.23
N LEU A 181 1.52 -13.34 19.61
CA LEU A 181 2.07 -14.69 19.57
C LEU A 181 3.11 -14.84 18.48
N GLN A 182 2.92 -14.18 17.34
CA GLN A 182 3.88 -14.19 16.25
C GLN A 182 3.76 -12.87 15.53
N LEU A 183 4.88 -12.40 14.98
CA LEU A 183 4.88 -11.21 14.14
C LEU A 183 6.08 -11.35 13.20
N ASP A 184 5.82 -11.46 11.91
CA ASP A 184 6.93 -11.62 10.97
C ASP A 184 6.47 -11.05 9.63
N THR A 185 7.45 -10.72 8.79
CA THR A 185 7.14 -10.16 7.48
C THR A 185 6.82 -11.28 6.48
N ALA A 186 5.83 -11.03 5.62
CA ALA A 186 5.65 -11.83 4.42
C ALA A 186 5.75 -10.96 3.17
N MET A 187 6.33 -9.77 3.31
CA MET A 187 6.81 -8.98 2.18
C MET A 187 5.69 -8.60 1.22
N TRP A 188 4.47 -8.42 1.76
CA TRP A 188 3.26 -8.05 0.99
C TRP A 188 2.69 -9.18 0.13
N ASP A 189 3.25 -10.39 0.23
CA ASP A 189 3.05 -11.43 -0.78
C ASP A 189 2.14 -12.56 -0.26
N THR A 190 1.21 -13.00 -1.11
CA THR A 190 0.27 -14.05 -0.72
C THR A 190 0.95 -15.37 -0.40
N ALA A 191 1.85 -15.83 -1.28
CA ALA A 191 2.45 -17.14 -1.07
C ALA A 191 3.34 -17.17 0.16
N GLN A 192 4.11 -16.08 0.38
CA GLN A 192 4.93 -16.03 1.59
C GLN A 192 4.06 -16.03 2.84
N ALA A 193 2.91 -15.33 2.78
CA ALA A 193 2.03 -15.28 3.94
C ALA A 193 1.40 -16.64 4.21
N LYS A 194 1.01 -17.36 3.15
CA LYS A 194 0.46 -18.68 3.34
C LYS A 194 1.48 -19.59 4.00
N ASP A 195 2.74 -19.53 3.55
CA ASP A 195 3.78 -20.37 4.13
C ASP A 195 4.04 -20.00 5.59
N LYS A 196 4.07 -18.71 5.89
N LYS A 196 4.10 -18.71 5.89
CA LYS A 196 4.33 -18.28 7.25
CA LYS A 196 4.31 -18.26 7.27
C LYS A 196 3.17 -18.68 8.18
C LYS A 196 3.17 -18.72 8.16
N MET A 197 1.93 -18.47 7.73
CA MET A 197 0.78 -18.87 8.53
C MET A 197 0.72 -20.37 8.71
N ASP A 198 1.05 -21.12 7.65
CA ASP A 198 1.07 -22.57 7.79
C ASP A 198 2.07 -23.03 8.85
N ALA A 199 3.27 -22.44 8.86
CA ALA A 199 4.23 -22.76 9.90
C ALA A 199 3.68 -22.46 11.29
N TRP A 200 3.03 -21.29 11.47
CA TRP A 200 2.50 -20.94 12.78
C TRP A 200 1.40 -21.91 13.21
N LEU A 201 0.58 -22.35 12.25
CA LEU A 201 -0.51 -23.28 12.54
C LEU A 201 0.00 -24.70 12.78
N SER A 202 1.26 -24.96 12.47
CA SER A 202 1.87 -26.26 12.70
C SER A 202 2.66 -26.29 14.00
N GLY A 203 2.75 -25.17 14.71
CA GLY A 203 3.56 -25.07 15.90
C GLY A 203 2.76 -24.98 17.19
N PRO A 204 3.44 -24.66 18.29
CA PRO A 204 2.77 -24.71 19.61
C PRO A 204 1.75 -23.61 19.85
N ASN A 205 1.82 -22.50 19.12
CA ASN A 205 0.82 -21.44 19.32
C ASN A 205 -0.44 -21.65 18.49
N ALA A 206 -0.56 -22.77 17.78
CA ALA A 206 -1.62 -22.89 16.78
C ALA A 206 -3.00 -22.68 17.38
N ASN A 207 -3.31 -23.39 18.46
CA ASN A 207 -4.65 -23.29 19.04
C ASN A 207 -4.82 -22.07 19.92
N LYS A 208 -3.77 -21.28 20.14
CA LYS A 208 -3.88 -20.06 20.93
C LYS A 208 -4.26 -18.85 20.08
N ILE A 209 -4.14 -18.94 18.75
CA ILE A 209 -4.32 -17.77 17.90
C ILE A 209 -5.81 -17.43 17.84
N GLU A 210 -6.15 -16.18 18.17
CA GLU A 210 -7.53 -15.73 18.18
C GLU A 210 -7.86 -14.78 17.04
N VAL A 211 -6.90 -14.00 16.56
CA VAL A 211 -7.12 -13.06 15.46
C VAL A 211 -5.86 -13.06 14.60
N VAL A 212 -6.04 -13.03 13.28
CA VAL A 212 -4.95 -12.83 12.32
C VAL A 212 -5.04 -11.41 11.80
N ILE A 213 -3.96 -10.65 11.96
CA ILE A 213 -3.88 -9.29 11.47
C ILE A 213 -2.85 -9.27 10.35
N ALA A 214 -3.24 -8.78 9.18
CA ALA A 214 -2.29 -8.66 8.07
C ALA A 214 -2.18 -7.22 7.63
N ASN A 215 -0.96 -6.79 7.33
CA ASN A 215 -0.76 -5.42 6.88
C ASN A 215 -1.37 -5.17 5.49
N ASN A 216 -1.66 -6.22 4.70
CA ASN A 216 -2.39 -6.03 3.45
C ASN A 216 -3.28 -7.22 3.16
N ASP A 217 -4.14 -7.03 2.15
CA ASP A 217 -5.06 -8.08 1.73
C ASP A 217 -4.35 -9.27 1.12
N ALA A 218 -3.29 -9.03 0.33
CA ALA A 218 -2.62 -10.16 -0.30
C ALA A 218 -2.10 -11.14 0.75
N MET A 219 -1.54 -10.60 1.84
CA MET A 219 -1.10 -11.48 2.91
C MET A 219 -2.27 -12.10 3.66
N ALA A 220 -3.35 -11.32 3.90
CA ALA A 220 -4.55 -11.89 4.50
C ALA A 220 -5.07 -13.07 3.70
N MET A 221 -5.08 -12.95 2.37
CA MET A 221 -5.56 -14.02 1.50
C MET A 221 -4.74 -15.30 1.70
N GLY A 222 -3.42 -15.18 1.80
CA GLY A 222 -2.60 -16.35 2.07
C GLY A 222 -2.92 -16.95 3.44
N ALA A 223 -3.13 -16.10 4.44
CA ALA A 223 -3.49 -16.60 5.77
C ALA A 223 -4.83 -17.35 5.72
N VAL A 224 -5.80 -16.83 4.96
CA VAL A 224 -7.09 -17.51 4.80
C VAL A 224 -6.90 -18.92 4.25
N GLU A 225 -6.04 -19.06 3.24
N GLU A 225 -6.03 -19.07 3.26
CA GLU A 225 -5.80 -20.38 2.66
CA GLU A 225 -5.85 -20.41 2.69
C GLU A 225 -5.22 -21.33 3.70
C GLU A 225 -5.19 -21.36 3.68
N ALA A 226 -4.24 -20.86 4.47
CA ALA A 226 -3.61 -21.70 5.48
C ALA A 226 -4.60 -22.08 6.57
N LEU A 227 -5.42 -21.12 7.01
CA LEU A 227 -6.44 -21.42 8.01
C LEU A 227 -7.40 -22.49 7.51
N LYS A 228 -7.81 -22.39 6.25
CA LYS A 228 -8.69 -23.41 5.69
C LYS A 228 -8.03 -24.79 5.72
N ALA A 229 -6.76 -24.87 5.32
CA ALA A 229 -6.06 -26.15 5.31
C ALA A 229 -6.00 -26.78 6.70
N HIS A 230 -5.94 -25.95 7.74
CA HIS A 230 -5.86 -26.43 9.12
C HIS A 230 -7.22 -26.50 9.81
N ASN A 231 -8.31 -26.34 9.05
CA ASN A 231 -9.67 -26.35 9.61
C ASN A 231 -9.82 -25.34 10.75
N LYS A 232 -9.30 -24.14 10.53
CA LYS A 232 -9.44 -23.06 11.50
C LYS A 232 -10.21 -21.91 10.86
N THR A 233 -11.33 -22.23 10.23
CA THR A 233 -12.05 -21.20 9.48
C THR A 233 -12.81 -20.22 10.36
N SER A 234 -12.88 -20.44 11.67
CA SER A 234 -13.54 -19.50 12.55
C SER A 234 -12.59 -18.47 13.17
N VAL A 235 -11.30 -18.51 12.85
CA VAL A 235 -10.37 -17.49 13.32
C VAL A 235 -10.48 -16.29 12.39
N PRO A 236 -10.84 -15.10 12.87
CA PRO A 236 -11.04 -13.97 11.96
C PRO A 236 -9.74 -13.41 11.42
N VAL A 237 -9.82 -12.87 10.20
CA VAL A 237 -8.67 -12.35 9.47
C VAL A 237 -8.99 -10.93 9.03
N PHE A 238 -8.07 -10.01 9.27
CA PHE A 238 -8.21 -8.62 8.87
C PHE A 238 -7.08 -8.21 7.93
N GLY A 239 -7.43 -7.42 6.91
CA GLY A 239 -6.44 -6.93 5.95
C GLY A 239 -6.51 -5.45 5.72
N VAL A 240 -5.82 -4.99 4.67
CA VAL A 240 -5.86 -3.61 4.19
C VAL A 240 -5.73 -3.67 2.68
N ASP A 241 -6.61 -2.93 1.99
CA ASP A 241 -6.54 -2.50 0.58
C ASP A 241 -7.93 -2.50 -0.05
N ALA A 242 -8.79 -3.44 0.38
CA ALA A 242 -10.08 -3.69 -0.28
C ALA A 242 -9.91 -4.15 -1.73
N LEU A 243 -8.94 -5.04 -1.97
CA LEU A 243 -8.89 -5.73 -3.25
C LEU A 243 -10.22 -6.45 -3.50
N PRO A 244 -10.62 -6.59 -4.77
CA PRO A 244 -11.84 -7.36 -5.05
C PRO A 244 -11.86 -8.73 -4.40
N GLU A 245 -10.72 -9.43 -4.38
CA GLU A 245 -10.69 -10.76 -3.78
C GLU A 245 -10.95 -10.68 -2.27
N ALA A 246 -10.44 -9.63 -1.62
CA ALA A 246 -10.71 -9.45 -0.19
C ALA A 246 -12.16 -9.07 0.05
N LEU A 247 -12.74 -8.21 -0.79
CA LEU A 247 -14.16 -7.90 -0.64
C LEU A 247 -15.00 -9.17 -0.77
N ALA A 248 -14.60 -10.09 -1.66
CA ALA A 248 -15.33 -11.35 -1.78
C ALA A 248 -15.19 -12.19 -0.53
N LEU A 249 -14.04 -12.15 0.13
CA LEU A 249 -13.85 -12.89 1.37
C LEU A 249 -14.61 -12.25 2.53
N VAL A 250 -14.73 -10.92 2.56
CA VAL A 250 -15.59 -10.29 3.56
C VAL A 250 -17.02 -10.74 3.35
N LYS A 251 -17.46 -10.80 2.08
CA LYS A 251 -18.83 -11.19 1.79
C LYS A 251 -19.12 -12.61 2.26
N SER A 252 -18.15 -13.52 2.08
CA SER A 252 -18.34 -14.92 2.48
C SER A 252 -18.04 -15.17 3.95
N GLY A 253 -17.54 -14.17 4.67
CA GLY A 253 -17.17 -14.35 6.06
C GLY A 253 -15.79 -14.94 6.28
N GLN A 254 -14.99 -15.11 5.23
CA GLN A 254 -13.65 -15.64 5.36
C GLN A 254 -12.63 -14.58 5.74
N MET A 255 -12.99 -13.29 5.59
CA MET A 255 -12.30 -12.19 6.23
C MET A 255 -13.33 -11.37 7.00
N ALA A 256 -12.89 -10.80 8.12
CA ALA A 256 -13.77 -9.98 8.95
C ALA A 256 -13.79 -8.52 8.54
N GLY A 257 -12.73 -8.02 7.93
CA GLY A 257 -12.70 -6.62 7.57
C GLY A 257 -11.43 -6.30 6.81
N THR A 258 -11.49 -5.19 6.08
CA THR A 258 -10.33 -4.64 5.38
C THR A 258 -10.48 -3.12 5.38
N VAL A 259 -9.61 -2.45 4.64
CA VAL A 259 -9.55 -1.00 4.62
C VAL A 259 -9.29 -0.58 3.17
N LEU A 260 -10.17 0.22 2.58
CA LEU A 260 -9.93 0.65 1.21
C LEU A 260 -8.68 1.52 1.17
N ASN A 261 -7.71 1.09 0.35
CA ASN A 261 -6.56 1.89 -0.06
C ASN A 261 -6.95 2.36 -1.45
N ASP A 262 -7.19 3.66 -1.60
CA ASP A 262 -7.92 4.20 -2.76
C ASP A 262 -6.98 4.32 -3.95
N ALA A 263 -6.87 3.22 -4.70
CA ALA A 263 -5.99 3.14 -5.86
C ALA A 263 -6.44 4.11 -6.95
N ASN A 264 -7.76 4.24 -7.14
CA ASN A 264 -8.26 5.10 -8.21
C ASN A 264 -7.81 6.55 -8.01
N ASN A 265 -8.00 7.08 -6.79
CA ASN A 265 -7.64 8.47 -6.58
C ASN A 265 -6.14 8.68 -6.44
N GLN A 266 -5.40 7.69 -5.92
CA GLN A 266 -3.95 7.83 -5.92
C GLN A 266 -3.41 7.82 -7.34
N ALA A 267 -3.95 6.96 -8.20
CA ALA A 267 -3.51 6.94 -9.59
C ALA A 267 -3.83 8.25 -10.28
N LYS A 268 -5.04 8.78 -10.08
CA LYS A 268 -5.45 10.01 -10.73
C LYS A 268 -4.62 11.19 -10.24
N ALA A 269 -4.36 11.28 -8.94
CA ALA A 269 -3.53 12.37 -8.42
C ALA A 269 -2.11 12.27 -8.96
N THR A 270 -1.54 11.05 -9.01
CA THR A 270 -0.19 10.87 -9.52
C THR A 270 -0.11 11.32 -10.96
N PHE A 271 -1.07 10.88 -11.78
CA PHE A 271 -1.08 11.27 -13.19
C PHE A 271 -1.30 12.76 -13.35
N ASP A 272 -2.26 13.32 -12.60
CA ASP A 272 -2.57 14.75 -12.74
C ASP A 272 -1.37 15.62 -12.38
N LEU A 273 -0.71 15.30 -11.27
CA LEU A 273 0.46 16.09 -10.86
C LEU A 273 1.59 15.93 -11.87
N ALA A 274 1.85 14.70 -12.32
CA ALA A 274 2.90 14.48 -13.31
C ALA A 274 2.63 15.25 -14.58
N LYS A 275 1.38 15.28 -15.03
CA LYS A 275 1.04 15.98 -16.28
C LYS A 275 1.24 17.49 -16.14
N ASN A 276 0.80 18.07 -15.01
CA ASN A 276 1.06 19.49 -14.79
C ASN A 276 2.55 19.77 -14.73
N LEU A 277 3.30 18.96 -13.97
CA LEU A 277 4.72 19.23 -13.81
C LEU A 277 5.46 19.08 -15.13
N ALA A 278 5.03 18.12 -15.97
CA ALA A 278 5.64 17.94 -17.28
C ALA A 278 5.51 19.20 -18.13
N ALA A 279 4.42 19.94 -17.94
CA ALA A 279 4.15 21.17 -18.67
C ALA A 279 4.71 22.40 -17.96
N GLY A 280 5.42 22.23 -16.84
CA GLY A 280 5.91 23.37 -16.09
C GLY A 280 4.85 24.13 -15.33
N LYS A 281 3.72 23.51 -15.03
CA LYS A 281 2.63 24.18 -14.33
C LYS A 281 2.65 23.83 -12.86
N PRO A 282 2.03 24.64 -12.00
CA PRO A 282 1.87 24.23 -10.60
C PRO A 282 1.22 22.85 -10.52
N ALA A 283 1.72 22.02 -9.60
CA ALA A 283 1.47 20.59 -9.65
C ALA A 283 -0.02 20.24 -9.59
N ALA A 284 -0.81 20.96 -8.79
CA ALA A 284 -2.22 20.66 -8.61
C ALA A 284 -3.14 21.54 -9.46
N GLU A 285 -2.58 22.31 -10.39
CA GLU A 285 -3.39 23.27 -11.14
C GLU A 285 -4.53 22.60 -11.89
N GLY A 286 -5.74 23.16 -11.74
CA GLY A 286 -6.88 22.59 -12.43
C GLY A 286 -7.39 21.29 -11.88
N THR A 287 -6.98 20.92 -10.67
CA THR A 287 -7.42 19.68 -10.04
C THR A 287 -7.95 20.01 -8.67
N THR A 288 -8.58 19.02 -8.04
CA THR A 288 -9.03 19.15 -6.66
C THR A 288 -7.98 18.70 -5.65
N TRP A 289 -6.79 18.28 -6.08
CA TRP A 289 -5.85 17.69 -5.13
C TRP A 289 -5.31 18.73 -4.17
N LYS A 290 -5.24 18.36 -2.90
N LYS A 290 -5.27 18.38 -2.88
CA LYS A 290 -4.74 19.22 -1.83
CA LYS A 290 -4.74 19.26 -1.85
C LYS A 290 -3.28 18.85 -1.58
C LYS A 290 -3.30 18.87 -1.57
N ILE A 291 -2.36 19.69 -2.02
CA ILE A 291 -0.94 19.48 -1.78
C ILE A 291 -0.59 20.19 -0.47
N GLU A 292 0.01 19.45 0.45
N GLU A 292 -0.02 19.44 0.46
CA GLU A 292 0.47 20.00 1.72
CA GLU A 292 0.47 19.97 1.73
C GLU A 292 1.95 19.67 1.80
C GLU A 292 1.96 19.66 1.78
N ASN A 293 2.78 20.70 1.72
CA ASN A 293 4.23 20.53 1.76
C ASN A 293 4.69 19.45 0.77
N LYS A 294 4.21 19.58 -0.47
CA LYS A 294 4.55 18.73 -1.62
C LYS A 294 3.95 17.34 -1.56
N ILE A 295 3.01 17.07 -0.66
CA ILE A 295 2.47 15.73 -0.46
C ILE A 295 0.94 15.75 -0.59
N VAL A 296 0.41 14.79 -1.34
CA VAL A 296 -1.03 14.51 -1.40
C VAL A 296 -1.28 13.18 -0.69
N ARG A 297 -2.22 13.16 0.26
CA ARG A 297 -2.58 11.93 0.95
C ARG A 297 -4.06 11.65 0.73
N ILE A 298 -4.38 10.45 0.27
CA ILE A 298 -5.75 10.07 -0.06
C ILE A 298 -6.31 9.25 1.08
N PRO A 299 -7.49 9.60 1.62
CA PRO A 299 -8.03 8.91 2.80
C PRO A 299 -8.26 7.42 2.59
N TYR A 300 -8.02 6.65 3.64
CA TYR A 300 -8.45 5.25 3.75
C TYR A 300 -9.88 5.20 4.27
N VAL A 301 -10.56 4.10 4.02
CA VAL A 301 -11.92 3.89 4.53
C VAL A 301 -12.07 2.45 5.00
N GLY A 302 -12.48 2.26 6.26
CA GLY A 302 -12.71 0.89 6.74
C GLY A 302 -13.88 0.22 6.02
N VAL A 303 -13.74 -1.09 5.78
CA VAL A 303 -14.76 -1.86 5.08
C VAL A 303 -15.04 -3.15 5.82
N ASP A 304 -16.31 -3.40 6.11
CA ASP A 304 -16.73 -4.68 6.67
C ASP A 304 -18.16 -4.96 6.20
N LYS A 305 -18.82 -5.93 6.84
CA LYS A 305 -20.16 -6.31 6.38
C LYS A 305 -21.17 -5.15 6.46
N ASP A 306 -20.94 -4.15 7.32
CA ASP A 306 -21.93 -3.07 7.38
C ASP A 306 -21.98 -2.25 6.11
N ASN A 307 -20.82 -1.86 5.57
CA ASN A 307 -20.78 -0.97 4.40
C ASN A 307 -20.30 -1.67 3.13
N LEU A 308 -20.20 -3.00 3.16
CA LEU A 308 -19.65 -3.78 2.04
C LEU A 308 -20.37 -3.49 0.73
N ALA A 309 -21.70 -3.29 0.76
CA ALA A 309 -22.47 -3.11 -0.46
C ALA A 309 -22.05 -1.86 -1.24
N GLU A 310 -21.43 -0.89 -0.57
CA GLU A 310 -20.94 0.31 -1.25
C GLU A 310 -19.76 0.01 -2.15
N PHE A 311 -19.05 -1.09 -1.94
CA PHE A 311 -17.77 -1.34 -2.59
C PHE A 311 -17.80 -2.46 -3.61
N THR A 312 -18.88 -3.24 -3.65
CA THR A 312 -19.00 -4.34 -4.58
C THR A 312 -19.92 -3.95 -5.73
C2 BGC B . -0.41 -1.74 -0.06
C3 BGC B . 0.26 -3.09 -0.23
C4 BGC B . 1.34 -3.00 -1.29
C5 BGC B . 2.32 -1.88 -0.96
C6 BGC B . 3.32 -1.67 -2.10
C1 BGC B . 0.68 -0.72 0.25
O1 BGC B . 0.11 0.55 0.39
O2 BGC B . -1.30 -1.77 1.05
O3 BGC B . -0.69 -4.04 -0.65
O4 BGC B . 1.97 -4.27 -1.28
O5 BGC B . 1.61 -0.64 -0.80
O6 BGC B . 4.21 -0.61 -1.83
CA CA C . -7.68 -14.38 24.67
C1 GOL D . 10.66 2.34 -21.44
O1 GOL D . 9.40 2.49 -20.87
C2 GOL D . 10.39 2.11 -22.89
O2 GOL D . 9.78 0.86 -23.10
C3 GOL D . 11.74 2.17 -23.56
O3 GOL D . 11.52 1.41 -24.69
C ACY E . 8.68 8.41 6.14
O ACY E . 9.87 7.98 6.15
OXT ACY E . 8.28 9.30 5.37
CH3 ACY E . 7.71 7.83 7.12
C1 GOL F . -1.08 20.37 -18.08
C1 GOL F . -1.14 20.61 -17.88
O1 GOL F . -1.97 19.63 -17.27
O1 GOL F . -1.84 19.60 -17.19
C2 GOL F . -1.88 21.24 -19.03
C2 GOL F . -1.84 20.87 -19.21
O2 GOL F . -2.38 22.37 -18.33
O2 GOL F . -2.36 19.66 -19.71
C3 GOL F . -0.97 21.71 -20.16
C3 GOL F . -0.85 21.47 -20.20
O3 GOL F . -0.37 22.94 -19.82
O3 GOL F . -0.54 22.78 -19.81
C1 EDO G . -2.82 29.03 -16.57
O1 EDO G . -4.04 28.41 -16.98
C2 EDO G . -1.71 28.02 -16.29
O2 EDO G . -1.70 26.92 -17.21
NA NA H . -7.55 -0.33 -11.60
#